data_2NEO
#
_entry.id   2NEO
#
_cell.length_a   1.000
_cell.length_b   1.000
_cell.length_c   1.000
_cell.angle_alpha   90.00
_cell.angle_beta   90.00
_cell.angle_gamma   90.00
#
_symmetry.space_group_name_H-M   'P 1'
#
loop_
_entity.id
_entity.type
_entity.pdbx_description
1 polymer "DNA (5'-D(*CP*CP*CP*GP*AP*TP*GP*CP*PGE*GP*CP*AP*AP*TP*TP*CP*GP*GP*G)-3')"
2 non-polymer "SPIRO[[7-METHOXY-5-METHYL-1,2-DIHYDRO-NAPHTHALENE]-3,1'-[5-HYDROXY-9-[2-METHYLAMINO-2,6-DIDEOXYGALACTOPYRANOSYL-OXY]-5-(2-OXO-[1,3]DIOXOLAN-4-YL)-3A,5,9,9A-TETRAHYDRO-3H-1-OXA-CYCLOPENTA[A]-S-INDACEN-2-ONE]]"
#
_entity_poly.entity_id   1
_entity_poly.type   'polydeoxyribonucleotide'
_entity_poly.pdbx_seq_one_letter_code
;(DC)(DC)(DC)(DG)(DA)(DT)(DG)(DC)(PGE)(DG)(DC)(DA)(DA)(DT)(DT)(DC)(DG)(DG)(DG)
;
_entity_poly.pdbx_strand_id   A
#